data_3HDM
#
_entry.id   3HDM
#
_cell.length_a   96.978
_cell.length_b   96.978
_cell.length_c   150.769
_cell.angle_alpha   90.00
_cell.angle_beta   90.00
_cell.angle_gamma   120.00
#
_symmetry.space_group_name_H-M   'P 65 2 2'
#
loop_
_entity.id
_entity.type
_entity.pdbx_description
1 polymer 'Serine/threonine-protein kinase Sgk1'
2 non-polymer '4-(5-phenyl-1H-pyrrolo[2,3-b]pyridin-3-yl)benzoic acid'
3 water water
#
_entity_poly.entity_id   1
_entity_poly.type   'polypeptide(L)'
_entity_poly.pdbx_seq_one_letter_code
;GISQPQEPELMNANPAPPPAPSQQINLGPSSNPHAKPSDFHFLKVIGKGSFGKVLLARHKAEEVFYAVKVLQKKAILKKK
EEKHIMSERNVLLKNVKHPFLVGLHFSFQTADKLYFVLDYINGGELFYHLQRERCFLEPRARFYAAEIASALGYLHSLNI
VYRDLKPENILLDSQGHIVLTDFGLCKENIEHNSTTSTFCGTPEYLAPEVLHKQPYDRTVDWWCLGAVLYEMLYGLPPFY
SRNTAEMYDNILNKPLQLKPNITNSARHLLEGLLQKDRTKRLGAKDDFMEIKSHVFFSLINWDDLINKKITPPFNPNVSG
PNDLRHFDPEFTEEPVPNAIGKAPDSVLVTASVKEAAEAFLGFSYAPPTDSFL
;
_entity_poly.pdbx_strand_id   A
#
loop_
_chem_comp.id
_chem_comp.type
_chem_comp.name
_chem_comp.formula
MMG non-polymer '4-(5-phenyl-1H-pyrrolo[2,3-b]pyridin-3-yl)benzoic acid' 'C20 H14 N2 O2'
#
# COMPACT_ATOMS: atom_id res chain seq x y z
N GLN A 23 -17.84 -14.71 22.65
CA GLN A 23 -16.53 -14.78 21.93
C GLN A 23 -16.55 -14.02 20.59
N GLN A 24 -17.72 -13.49 20.23
CA GLN A 24 -17.90 -12.79 18.96
C GLN A 24 -17.21 -11.43 18.96
N ILE A 25 -16.22 -11.29 18.07
CA ILE A 25 -15.48 -10.04 17.89
C ILE A 25 -16.34 -8.99 17.19
N ASN A 26 -16.27 -7.76 17.67
CA ASN A 26 -16.92 -6.63 17.00
C ASN A 26 -16.17 -6.27 15.71
N LEU A 27 -16.86 -6.39 14.57
CA LEU A 27 -16.26 -6.12 13.25
C LEU A 27 -16.63 -4.76 12.67
N GLY A 28 -17.69 -4.14 13.20
CA GLY A 28 -18.12 -2.82 12.77
C GLY A 28 -19.36 -2.86 11.89
N PRO A 29 -19.57 -1.79 11.07
CA PRO A 29 -20.77 -1.65 10.24
C PRO A 29 -20.82 -2.63 9.07
N SER A 30 -19.65 -3.04 8.59
CA SER A 30 -19.55 -4.01 7.49
C SER A 30 -20.08 -5.41 7.84
N SER A 31 -20.13 -5.73 9.13
CA SER A 31 -20.49 -7.07 9.62
C SER A 31 -21.75 -7.67 8.99
N ASN A 32 -21.72 -8.97 8.75
CA ASN A 32 -22.83 -9.68 8.14
C ASN A 32 -23.25 -10.90 8.97
N PRO A 33 -24.35 -10.78 9.73
CA PRO A 33 -24.84 -11.90 10.53
C PRO A 33 -25.37 -13.07 9.70
N HIS A 34 -25.61 -12.83 8.41
CA HIS A 34 -26.22 -13.83 7.53
C HIS A 34 -25.22 -14.68 6.74
N ALA A 35 -23.98 -14.19 6.61
CA ALA A 35 -22.97 -14.82 5.75
C ALA A 35 -22.18 -15.93 6.44
N LYS A 36 -22.00 -17.03 5.71
CA LYS A 36 -21.20 -18.18 6.16
C LYS A 36 -20.20 -18.58 5.07
N PRO A 37 -19.08 -19.23 5.45
CA PRO A 37 -18.13 -19.74 4.46
C PRO A 37 -18.75 -20.60 3.36
N SER A 38 -19.85 -21.30 3.69
CA SER A 38 -20.53 -22.18 2.72
C SER A 38 -21.23 -21.40 1.61
N ASP A 39 -21.14 -20.07 1.66
CA ASP A 39 -21.63 -19.21 0.58
C ASP A 39 -20.59 -19.12 -0.54
N PHE A 40 -19.37 -19.59 -0.25
CA PHE A 40 -18.22 -19.37 -1.14
C PHE A 40 -17.57 -20.62 -1.72
N HIS A 41 -17.29 -20.54 -3.03
CA HIS A 41 -16.38 -21.46 -3.71
C HIS A 41 -14.97 -20.90 -3.57
N PHE A 42 -14.09 -21.60 -2.85
CA PHE A 42 -12.71 -21.17 -2.69
C PHE A 42 -11.82 -21.82 -3.73
N LEU A 43 -11.20 -20.99 -4.56
CA LEU A 43 -10.43 -21.47 -5.73
C LEU A 43 -8.94 -21.71 -5.42
N LYS A 44 -8.22 -20.64 -5.07
CA LYS A 44 -6.79 -20.74 -4.78
C LYS A 44 -6.32 -19.70 -3.76
N VAL A 45 -5.07 -19.81 -3.31
CA VAL A 45 -4.48 -18.84 -2.40
C VAL A 45 -3.90 -17.66 -3.21
N ILE A 46 -4.44 -16.47 -2.96
CA ILE A 46 -4.01 -15.26 -3.65
C ILE A 46 -2.68 -14.72 -3.12
N GLY A 47 -2.58 -14.57 -1.79
CA GLY A 47 -1.39 -14.00 -1.17
C GLY A 47 -1.45 -13.91 0.34
N LYS A 48 -0.36 -13.41 0.92
CA LYS A 48 -0.23 -13.26 2.37
C LYS A 48 0.47 -11.93 2.69
N GLY A 49 -0.14 -11.15 3.57
CA GLY A 49 0.45 -9.88 4.01
C GLY A 49 1.45 -10.12 5.13
N SER A 50 1.28 -9.41 6.24
CA SER A 50 2.06 -9.67 7.44
C SER A 50 1.34 -10.62 8.41
N PHE A 51 0.03 -10.77 8.20
CA PHE A 51 -0.80 -11.67 9.00
C PHE A 51 -1.95 -12.25 8.16
N GLY A 52 -2.31 -13.50 8.45
CA GLY A 52 -3.42 -14.18 7.77
C GLY A 52 -3.16 -14.49 6.31
N LYS A 53 -4.23 -14.90 5.62
CA LYS A 53 -4.14 -15.30 4.20
C LYS A 53 -5.29 -14.73 3.37
N VAL A 54 -5.03 -14.52 2.09
CA VAL A 54 -6.04 -14.03 1.15
C VAL A 54 -6.33 -15.09 0.10
N LEU A 55 -7.61 -15.33 -0.15
CA LEU A 55 -8.05 -16.38 -1.08
C LEU A 55 -8.94 -15.82 -2.16
N LEU A 56 -8.77 -16.33 -3.38
CA LEU A 56 -9.71 -16.05 -4.47
C LEU A 56 -10.97 -16.88 -4.25
N ALA A 57 -12.12 -16.22 -4.23
CA ALA A 57 -13.38 -16.89 -3.99
C ALA A 57 -14.48 -16.44 -4.94
N ARG A 58 -15.26 -17.40 -5.41
CA ARG A 58 -16.47 -17.12 -6.17
C ARG A 58 -17.67 -17.36 -5.26
N HIS A 59 -18.49 -16.33 -5.10
CA HIS A 59 -19.72 -16.44 -4.31
C HIS A 59 -20.67 -17.41 -5.01
N LYS A 60 -21.02 -18.50 -4.31
CA LYS A 60 -21.85 -19.56 -4.86
C LYS A 60 -23.12 -19.04 -5.54
N ALA A 61 -23.91 -18.25 -4.81
CA ALA A 61 -25.18 -17.73 -5.30
C ALA A 61 -25.01 -16.59 -6.30
N GLU A 62 -24.27 -15.55 -5.88
CA GLU A 62 -24.10 -14.33 -6.67
C GLU A 62 -23.34 -14.55 -7.99
N GLU A 63 -22.44 -15.55 -8.00
CA GLU A 63 -21.67 -15.95 -9.18
C GLU A 63 -20.58 -14.95 -9.59
N VAL A 64 -20.09 -14.17 -8.63
CA VAL A 64 -18.99 -13.23 -8.88
C VAL A 64 -17.73 -13.56 -8.07
N PHE A 65 -16.60 -13.00 -8.51
CA PHE A 65 -15.31 -13.28 -7.90
C PHE A 65 -14.93 -12.22 -6.88
N TYR A 66 -14.42 -12.66 -5.73
CA TYR A 66 -13.96 -11.76 -4.68
C TYR A 66 -12.60 -12.19 -4.16
N ALA A 67 -11.96 -11.30 -3.41
CA ALA A 67 -10.79 -11.67 -2.62
C ALA A 67 -11.20 -11.72 -1.16
N VAL A 68 -11.10 -12.89 -0.55
CA VAL A 68 -11.50 -13.06 0.84
C VAL A 68 -10.29 -13.23 1.74
N LYS A 69 -10.01 -12.22 2.56
CA LYS A 69 -9.00 -12.32 3.59
C LYS A 69 -9.57 -13.13 4.75
N VAL A 70 -8.79 -14.12 5.20
CA VAL A 70 -9.18 -14.98 6.29
C VAL A 70 -8.11 -14.90 7.38
N LEU A 71 -8.52 -14.40 8.54
CA LEU A 71 -7.61 -14.28 9.68
C LEU A 71 -8.08 -15.18 10.82
N GLN A 72 -7.14 -15.86 11.48
CA GLN A 72 -7.46 -16.71 12.62
C GLN A 72 -7.59 -15.90 13.90
N LYS A 73 -8.56 -16.26 14.73
CA LYS A 73 -8.88 -15.55 15.96
C LYS A 73 -7.74 -15.59 16.98
N LYS A 74 -6.95 -16.67 16.95
CA LYS A 74 -5.76 -16.81 17.79
C LYS A 74 -4.58 -15.96 17.28
N ALA A 75 -4.89 -14.78 16.75
CA ALA A 75 -3.88 -13.82 16.29
C ALA A 75 -4.13 -12.42 16.88
N ILE A 76 -5.35 -12.21 17.36
CA ILE A 76 -5.70 -11.00 18.10
C ILE A 76 -5.12 -11.09 19.51
N LEU A 77 -4.28 -10.13 19.87
CA LEU A 77 -3.62 -10.15 21.18
C LEU A 77 -4.18 -9.10 22.14
N VAL A 91 -11.99 -2.27 18.96
CA VAL A 91 -12.25 -2.02 17.55
C VAL A 91 -11.12 -2.57 16.67
N LEU A 92 -11.36 -3.73 16.08
CA LEU A 92 -10.39 -4.41 15.23
C LEU A 92 -10.40 -3.91 13.78
N LEU A 93 -11.58 -3.65 13.23
CA LEU A 93 -11.73 -3.19 11.86
C LEU A 93 -12.33 -1.78 11.79
N LYS A 94 -11.64 -0.89 11.08
CA LYS A 94 -12.14 0.45 10.82
C LYS A 94 -11.98 0.79 9.33
N ASN A 95 -12.91 0.28 8.53
CA ASN A 95 -12.87 0.44 7.07
C ASN A 95 -12.97 1.89 6.62
N VAL A 96 -12.17 2.25 5.63
CA VAL A 96 -12.19 3.59 5.04
C VAL A 96 -12.40 3.49 3.54
N LYS A 97 -13.47 4.13 3.07
CA LYS A 97 -13.77 4.20 1.65
C LYS A 97 -13.01 5.35 1.02
N HIS A 98 -12.42 5.09 -0.15
CA HIS A 98 -11.64 6.07 -0.90
C HIS A 98 -11.37 5.46 -2.27
N PRO A 99 -11.41 6.26 -3.35
CA PRO A 99 -11.20 5.74 -4.72
C PRO A 99 -9.94 4.88 -4.95
N PHE A 100 -8.95 5.00 -4.08
CA PHE A 100 -7.71 4.27 -4.29
C PHE A 100 -7.43 3.23 -3.19
N LEU A 101 -8.44 3.02 -2.34
CA LEU A 101 -8.39 1.96 -1.32
C LEU A 101 -9.35 0.85 -1.70
N VAL A 102 -8.87 -0.40 -1.65
CA VAL A 102 -9.70 -1.56 -2.01
C VAL A 102 -11.01 -1.59 -1.23
N GLY A 103 -12.12 -1.78 -1.94
CA GLY A 103 -13.45 -1.77 -1.33
C GLY A 103 -13.77 -3.01 -0.54
N LEU A 104 -14.39 -2.81 0.63
CA LEU A 104 -14.85 -3.89 1.48
C LEU A 104 -16.34 -4.05 1.25
N HIS A 105 -16.77 -5.27 0.97
CA HIS A 105 -18.18 -5.52 0.71
C HIS A 105 -18.92 -5.84 2.00
N PHE A 106 -18.49 -6.91 2.68
CA PHE A 106 -18.94 -7.22 4.02
C PHE A 106 -17.92 -8.10 4.73
N SER A 107 -18.15 -8.31 6.01
CA SER A 107 -17.30 -9.19 6.79
C SER A 107 -18.16 -10.08 7.69
N PHE A 108 -17.60 -11.22 8.10
CA PHE A 108 -18.28 -12.18 8.97
C PHE A 108 -17.28 -13.07 9.70
N GLN A 109 -17.79 -13.91 10.61
CA GLN A 109 -16.93 -14.76 11.44
C GLN A 109 -17.52 -16.14 11.73
N THR A 110 -16.63 -17.09 12.03
CA THR A 110 -17.01 -18.39 12.55
C THR A 110 -16.46 -18.51 13.98
N ALA A 111 -16.35 -19.73 14.49
CA ALA A 111 -15.80 -19.98 15.82
C ALA A 111 -14.29 -19.68 15.91
N ASP A 112 -13.58 -19.94 14.82
CA ASP A 112 -12.12 -19.78 14.80
C ASP A 112 -11.61 -18.66 13.88
N LYS A 113 -12.34 -18.39 12.79
CA LYS A 113 -11.83 -17.51 11.74
C LYS A 113 -12.68 -16.27 11.44
N LEU A 114 -12.02 -15.19 11.04
CA LEU A 114 -12.68 -13.97 10.58
C LEU A 114 -12.50 -13.84 9.06
N TYR A 115 -13.58 -13.49 8.37
CA TYR A 115 -13.58 -13.39 6.91
C TYR A 115 -13.94 -11.98 6.45
N PHE A 116 -13.21 -11.47 5.46
CA PHE A 116 -13.44 -10.13 4.91
C PHE A 116 -13.53 -10.16 3.37
N VAL A 117 -14.69 -9.79 2.84
CA VAL A 117 -14.94 -9.85 1.40
C VAL A 117 -14.59 -8.53 0.73
N LEU A 118 -13.61 -8.58 -0.18
CA LEU A 118 -13.07 -7.41 -0.85
C LEU A 118 -13.27 -7.51 -2.36
N ASP A 119 -13.08 -6.39 -3.08
CA ASP A 119 -13.06 -6.40 -4.54
C ASP A 119 -11.89 -7.26 -5.01
N TYR A 120 -12.10 -8.05 -6.05
CA TYR A 120 -11.00 -8.74 -6.69
C TYR A 120 -10.37 -7.81 -7.71
N ILE A 121 -9.11 -7.46 -7.50
CA ILE A 121 -8.41 -6.49 -8.35
C ILE A 121 -7.54 -7.20 -9.38
N ASN A 122 -7.91 -7.10 -10.65
CA ASN A 122 -7.33 -7.92 -11.71
C ASN A 122 -6.38 -7.22 -12.68
N GLY A 123 -6.04 -5.96 -12.39
CA GLY A 123 -5.13 -5.20 -13.25
C GLY A 123 -3.67 -5.51 -13.03
N GLY A 124 -3.38 -6.43 -12.12
CA GLY A 124 -2.01 -6.83 -11.81
C GLY A 124 -1.37 -5.95 -10.76
N GLU A 125 -0.36 -6.50 -10.08
CA GLU A 125 0.42 -5.71 -9.13
C GLU A 125 1.18 -4.63 -9.88
N LEU A 126 1.28 -3.44 -9.27
CA LEU A 126 1.98 -2.34 -9.91
C LEU A 126 3.39 -2.76 -10.31
N PHE A 127 4.08 -3.42 -9.38
CA PHE A 127 5.49 -3.77 -9.57
C PHE A 127 5.73 -4.94 -10.55
N TYR A 128 4.67 -5.67 -10.88
CA TYR A 128 4.74 -6.63 -11.97
C TYR A 128 4.91 -5.88 -13.30
N HIS A 129 4.19 -4.77 -13.45
CA HIS A 129 4.31 -3.94 -14.63
C HIS A 129 5.65 -3.20 -14.68
N LEU A 130 6.16 -2.84 -13.50
CA LEU A 130 7.48 -2.22 -13.36
C LEU A 130 8.60 -3.20 -13.74
N GLN A 131 8.48 -4.43 -13.25
CA GLN A 131 9.38 -5.53 -13.61
C GLN A 131 9.50 -5.69 -15.14
N ARG A 132 8.36 -5.73 -15.82
CA ARG A 132 8.31 -5.97 -17.26
C ARG A 132 8.90 -4.83 -18.07
N GLU A 133 9.19 -3.71 -17.40
CA GLU A 133 9.60 -2.49 -18.09
C GLU A 133 10.90 -1.89 -17.55
N ARG A 134 11.47 -2.53 -16.53
CA ARG A 134 12.67 -2.07 -15.79
C ARG A 134 12.41 -0.80 -14.95
N CYS A 135 11.87 0.23 -15.58
CA CYS A 135 11.47 1.47 -14.88
C CYS A 135 10.36 2.19 -15.64
N PHE A 136 9.73 3.15 -14.97
CA PHE A 136 8.69 3.98 -15.58
C PHE A 136 9.25 5.33 -15.98
N LEU A 137 8.70 5.91 -17.04
CA LEU A 137 8.97 7.32 -17.36
C LEU A 137 8.31 8.13 -16.26
N GLU A 138 8.76 9.37 -16.08
CA GLU A 138 8.28 10.22 -14.99
C GLU A 138 6.77 10.55 -15.02
N PRO A 139 6.21 10.91 -16.20
CA PRO A 139 4.78 11.20 -16.25
C PRO A 139 3.92 10.06 -15.68
N ARG A 140 4.28 8.82 -16.02
CA ARG A 140 3.56 7.64 -15.53
C ARG A 140 3.82 7.41 -14.04
N ALA A 141 5.09 7.45 -13.64
CA ALA A 141 5.48 7.38 -12.23
C ALA A 141 4.77 8.46 -11.40
N ARG A 142 4.66 9.66 -11.96
CA ARG A 142 3.99 10.78 -11.32
C ARG A 142 2.53 10.48 -11.04
N PHE A 143 1.85 9.92 -12.04
CA PHE A 143 0.44 9.54 -11.93
C PHE A 143 0.19 8.55 -10.78
N TYR A 144 1.00 7.49 -10.69
CA TYR A 144 0.85 6.51 -9.62
C TYR A 144 1.19 7.08 -8.25
N ALA A 145 2.27 7.86 -8.19
CA ALA A 145 2.68 8.51 -6.95
C ALA A 145 1.59 9.46 -6.45
N ALA A 146 0.94 10.16 -7.36
CA ALA A 146 -0.12 11.11 -7.01
C ALA A 146 -1.34 10.43 -6.42
N GLU A 147 -1.77 9.31 -7.02
CA GLU A 147 -2.88 8.52 -6.49
C GLU A 147 -2.58 7.96 -5.10
N ILE A 148 -1.38 7.42 -4.92
CA ILE A 148 -0.98 6.91 -3.61
C ILE A 148 -0.95 8.06 -2.58
N ALA A 149 -0.36 9.19 -2.98
CA ALA A 149 -0.29 10.37 -2.13
C ALA A 149 -1.66 10.86 -1.66
N SER A 150 -2.66 10.80 -2.54
CA SER A 150 -3.97 11.32 -2.20
C SER A 150 -4.67 10.43 -1.16
N ALA A 151 -4.49 9.12 -1.31
CA ALA A 151 -5.05 8.15 -0.38
C ALA A 151 -4.39 8.30 0.99
N LEU A 152 -3.07 8.50 1.00
CA LEU A 152 -2.34 8.65 2.26
C LEU A 152 -2.75 9.93 2.95
N GLY A 153 -2.89 11.00 2.16
CA GLY A 153 -3.26 12.31 2.67
C GLY A 153 -4.67 12.29 3.22
N TYR A 154 -5.57 11.61 2.52
CA TYR A 154 -6.93 11.41 3.01
C TYR A 154 -6.94 10.65 4.33
N LEU A 155 -6.18 9.56 4.40
CA LEU A 155 -6.09 8.75 5.62
C LEU A 155 -5.60 9.57 6.82
N HIS A 156 -4.55 10.36 6.59
CA HIS A 156 -3.99 11.23 7.65
C HIS A 156 -5.02 12.24 8.19
N SER A 157 -5.88 12.77 7.31
CA SER A 157 -6.93 13.71 7.73
C SER A 157 -7.94 13.08 8.70
N LEU A 158 -8.11 11.76 8.59
CA LEU A 158 -8.98 11.00 9.49
C LEU A 158 -8.17 10.36 10.64
N ASN A 159 -6.92 10.81 10.78
CA ASN A 159 -6.03 10.38 11.85
C ASN A 159 -5.61 8.90 11.76
N ILE A 160 -5.52 8.40 10.53
CA ILE A 160 -5.08 7.03 10.25
C ILE A 160 -3.74 7.05 9.51
N VAL A 161 -2.83 6.18 9.95
CA VAL A 161 -1.50 6.05 9.37
C VAL A 161 -1.34 4.67 8.73
N TYR A 162 -0.80 4.63 7.51
CA TYR A 162 -0.63 3.38 6.76
C TYR A 162 0.41 2.43 7.36
N ARG A 163 1.51 3.00 7.88
CA ARG A 163 2.50 2.28 8.68
C ARG A 163 3.56 1.55 7.85
N ASP A 164 3.11 0.72 6.91
CA ASP A 164 4.01 -0.19 6.21
C ASP A 164 3.65 -0.43 4.75
N LEU A 165 3.37 0.65 4.02
CA LEU A 165 3.11 0.57 2.58
C LEU A 165 4.27 -0.15 1.86
N LYS A 166 3.91 -1.20 1.13
CA LYS A 166 4.87 -2.09 0.44
C LYS A 166 4.41 -2.31 -0.98
N PRO A 167 5.34 -2.66 -1.90
CA PRO A 167 4.97 -2.97 -3.28
C PRO A 167 3.87 -4.04 -3.41
N GLU A 168 3.86 -5.01 -2.51
CA GLU A 168 2.85 -6.07 -2.52
C GLU A 168 1.45 -5.53 -2.20
N ASN A 169 1.40 -4.32 -1.64
CA ASN A 169 0.15 -3.65 -1.29
C ASN A 169 -0.38 -2.79 -2.43
N ILE A 170 0.39 -2.65 -3.50
CA ILE A 170 0.04 -1.70 -4.56
C ILE A 170 -0.36 -2.39 -5.86
N LEU A 171 -1.67 -2.37 -6.13
CA LEU A 171 -2.23 -3.02 -7.31
C LEU A 171 -2.80 -1.98 -8.28
N LEU A 172 -3.07 -2.42 -9.50
CA LEU A 172 -3.82 -1.63 -10.48
C LEU A 172 -5.15 -2.31 -10.75
N ASP A 173 -6.21 -1.53 -10.92
CA ASP A 173 -7.50 -2.11 -11.31
C ASP A 173 -7.59 -2.27 -12.83
N SER A 174 -8.71 -2.84 -13.30
CA SER A 174 -8.90 -3.13 -14.73
C SER A 174 -8.67 -1.92 -15.63
N GLN A 175 -8.93 -0.74 -15.09
CA GLN A 175 -8.82 0.52 -15.82
C GLN A 175 -7.42 1.13 -15.72
N GLY A 176 -6.63 0.62 -14.78
CA GLY A 176 -5.26 1.09 -14.61
C GLY A 176 -5.09 2.13 -13.53
N HIS A 177 -6.08 2.26 -12.66
CA HIS A 177 -5.99 3.12 -11.47
C HIS A 177 -5.42 2.35 -10.28
N ILE A 178 -4.69 3.06 -9.43
CA ILE A 178 -4.08 2.46 -8.24
C ILE A 178 -5.13 1.98 -7.24
N VAL A 179 -4.93 0.78 -6.71
CA VAL A 179 -5.74 0.25 -5.62
C VAL A 179 -4.80 -0.30 -4.53
N LEU A 180 -4.86 0.28 -3.34
CA LEU A 180 -4.09 -0.16 -2.19
C LEU A 180 -4.89 -1.18 -1.37
N THR A 181 -4.22 -2.21 -0.86
CA THR A 181 -4.92 -3.39 -0.27
C THR A 181 -5.37 -3.28 1.19
N ASP A 182 -4.97 -2.20 1.88
CA ASP A 182 -5.41 -1.96 3.25
C ASP A 182 -6.90 -1.59 3.27
N PHE A 183 -7.66 -2.29 4.10
CA PHE A 183 -9.10 -2.06 4.18
C PHE A 183 -9.58 -1.68 5.58
N GLY A 184 -8.63 -1.45 6.50
CA GLY A 184 -8.96 -0.91 7.82
C GLY A 184 -8.62 -1.76 9.03
N LEU A 185 -8.07 -2.95 8.80
CA LEU A 185 -7.65 -3.83 9.91
C LEU A 185 -6.63 -3.13 10.81
N CYS A 186 -6.78 -3.32 12.12
CA CYS A 186 -5.86 -2.73 13.08
C CYS A 186 -4.61 -3.60 13.21
N LYS A 187 -3.54 -3.20 12.53
CA LYS A 187 -2.27 -3.90 12.49
C LYS A 187 -1.62 -4.04 13.87
N GLU A 188 -1.83 -3.01 14.68
CA GLU A 188 -1.29 -2.91 16.03
C GLU A 188 -1.84 -3.98 16.99
N ASN A 189 -3.07 -4.44 16.73
CA ASN A 189 -3.74 -5.45 17.58
C ASN A 189 -3.64 -6.87 17.04
N ILE A 190 -3.00 -7.02 15.87
CA ILE A 190 -2.82 -8.33 15.25
C ILE A 190 -1.34 -8.70 15.22
N GLU A 191 -1.03 -9.92 15.70
CA GLU A 191 0.34 -10.41 15.77
C GLU A 191 0.89 -10.71 14.38
N HIS A 192 1.88 -9.92 13.97
CA HIS A 192 2.54 -10.06 12.67
C HIS A 192 3.42 -11.33 12.63
N ASN A 193 3.51 -11.92 11.44
CA ASN A 193 4.51 -12.95 11.18
C ASN A 193 5.67 -12.32 10.41
N SER A 194 6.71 -11.92 11.15
CA SER A 194 7.81 -11.14 10.59
C SER A 194 9.18 -11.51 11.18
N THR A 195 9.73 -12.61 10.70
CA THR A 195 11.16 -12.82 10.75
C THR A 195 11.70 -12.29 9.43
N THR A 196 13.01 -12.07 9.35
CA THR A 196 13.64 -11.63 8.10
C THR A 196 14.89 -12.43 7.78
N SER A 197 15.12 -12.65 6.48
CA SER A 197 16.29 -13.38 5.99
C SER A 197 17.48 -12.43 5.82
N THR A 198 18.69 -12.97 5.95
CA THR A 198 19.92 -12.17 5.83
C THR A 198 20.17 -11.69 4.39
N PHE A 199 19.84 -12.54 3.42
CA PHE A 199 19.85 -12.15 2.01
C PHE A 199 18.44 -12.23 1.44
N CYS A 200 18.12 -11.28 0.55
CA CYS A 200 16.91 -11.31 -0.27
C CYS A 200 15.62 -11.41 0.53
N GLY A 201 15.33 -10.37 1.31
CA GLY A 201 14.12 -10.36 2.12
C GLY A 201 12.84 -10.06 1.36
N THR A 202 11.77 -9.85 2.14
CA THR A 202 10.50 -9.35 1.64
C THR A 202 10.72 -7.91 1.25
N PRO A 203 10.22 -7.51 0.07
CA PRO A 203 10.33 -6.10 -0.33
C PRO A 203 9.51 -5.19 0.59
N GLU A 204 10.21 -4.44 1.45
CA GLU A 204 9.56 -3.40 2.26
C GLU A 204 10.43 -2.15 2.37
N TYR A 205 9.80 -1.03 2.68
CA TYR A 205 10.50 0.23 2.76
C TYR A 205 10.53 0.69 4.22
N LEU A 206 11.51 0.18 4.98
CA LEU A 206 11.63 0.53 6.40
C LEU A 206 12.30 1.87 6.57
N ALA A 207 11.57 2.82 7.15
CA ALA A 207 12.10 4.15 7.42
C ALA A 207 13.11 4.09 8.58
N PRO A 208 14.06 5.05 8.63
CA PRO A 208 15.01 5.08 9.75
C PRO A 208 14.34 4.96 11.12
N GLU A 209 13.24 5.68 11.33
CA GLU A 209 12.54 5.66 12.62
C GLU A 209 11.84 4.33 12.93
N VAL A 210 11.48 3.59 11.89
CA VAL A 210 10.86 2.27 12.05
C VAL A 210 11.90 1.26 12.54
N LEU A 211 13.12 1.37 12.01
CA LEU A 211 14.22 0.53 12.46
C LEU A 211 14.56 0.81 13.92
N HIS A 212 14.47 2.07 14.32
CA HIS A 212 14.66 2.50 15.71
C HIS A 212 13.46 2.17 16.59
N LYS A 213 12.46 1.51 16.00
CA LYS A 213 11.25 1.05 16.70
C LYS A 213 10.51 2.17 17.46
N GLN A 214 10.48 3.35 16.82
CA GLN A 214 9.77 4.51 17.35
C GLN A 214 8.33 4.49 16.84
N PRO A 215 7.40 5.15 17.57
CA PRO A 215 5.99 5.17 17.18
C PRO A 215 5.74 5.46 15.71
N TYR A 216 4.79 4.74 15.12
CA TYR A 216 4.36 5.02 13.75
C TYR A 216 3.60 6.33 13.74
N ASP A 217 4.04 7.26 12.90
CA ASP A 217 3.29 8.48 12.66
C ASP A 217 3.12 8.70 11.16
N ARG A 218 2.51 9.82 10.81
CA ARG A 218 2.17 10.10 9.41
C ARG A 218 3.38 10.31 8.50
N THR A 219 4.53 10.64 9.07
CA THR A 219 5.74 10.88 8.27
C THR A 219 6.41 9.61 7.75
N VAL A 220 6.10 8.45 8.32
CA VAL A 220 6.63 7.18 7.77
C VAL A 220 5.98 6.89 6.41
N ASP A 221 4.71 7.26 6.27
CA ASP A 221 3.98 7.08 5.02
C ASP A 221 4.63 7.86 3.88
N TRP A 222 5.16 9.05 4.21
CA TRP A 222 5.84 9.87 3.21
C TRP A 222 7.21 9.33 2.81
N TRP A 223 7.93 8.73 3.77
CA TRP A 223 9.15 7.99 3.44
C TRP A 223 8.84 6.86 2.45
N CYS A 224 7.78 6.10 2.73
CA CYS A 224 7.39 4.98 1.88
C CYS A 224 6.97 5.44 0.48
N LEU A 225 6.28 6.58 0.40
CA LEU A 225 5.91 7.15 -0.88
C LEU A 225 7.15 7.46 -1.72
N GLY A 226 8.14 8.08 -1.09
CA GLY A 226 9.39 8.44 -1.75
C GLY A 226 10.17 7.22 -2.21
N ALA A 227 10.08 6.14 -1.45
CA ALA A 227 10.76 4.89 -1.81
C ALA A 227 10.09 4.22 -3.00
N VAL A 228 8.75 4.24 -3.00
CA VAL A 228 7.98 3.71 -4.14
C VAL A 228 8.34 4.50 -5.40
N LEU A 229 8.32 5.82 -5.30
CA LEU A 229 8.65 6.69 -6.43
C LEU A 229 10.08 6.45 -6.90
N TYR A 230 11.02 6.34 -5.96
CA TYR A 230 12.43 6.00 -6.26
C TYR A 230 12.51 4.71 -7.06
N GLU A 231 11.84 3.67 -6.58
CA GLU A 231 11.88 2.38 -7.27
C GLU A 231 11.20 2.44 -8.64
N MET A 232 10.11 3.20 -8.75
CA MET A 232 9.42 3.37 -10.05
C MET A 232 10.35 4.01 -11.10
N LEU A 233 11.28 4.86 -10.65
CA LEU A 233 12.20 5.55 -11.55
C LEU A 233 13.51 4.80 -11.82
N TYR A 234 14.04 4.14 -10.79
CA TYR A 234 15.35 3.49 -10.89
C TYR A 234 15.31 1.96 -10.96
N GLY A 235 14.15 1.37 -10.68
CA GLY A 235 13.98 -0.08 -10.82
C GLY A 235 14.48 -0.88 -9.65
N LEU A 236 14.93 -0.19 -8.60
CA LEU A 236 15.37 -0.80 -7.35
C LEU A 236 14.98 0.09 -6.18
N PRO A 237 14.70 -0.51 -4.99
CA PRO A 237 14.42 0.31 -3.81
C PRO A 237 15.64 1.14 -3.46
N PRO A 238 15.44 2.26 -2.77
CA PRO A 238 16.60 3.06 -2.37
C PRO A 238 17.43 2.31 -1.32
N PHE A 239 18.72 2.63 -1.25
CA PHE A 239 19.64 2.05 -0.26
C PHE A 239 19.77 0.53 -0.39
N TYR A 240 19.41 0.01 -1.55
CA TYR A 240 19.33 -1.43 -1.77
C TYR A 240 20.64 -2.21 -1.51
N SER A 241 20.48 -3.40 -0.96
CA SER A 241 21.54 -4.38 -0.96
C SER A 241 20.95 -5.78 -0.94
N ARG A 242 21.67 -6.70 -1.58
CA ARG A 242 21.34 -8.11 -1.53
C ARG A 242 21.31 -8.54 -0.06
N ASN A 243 22.34 -8.16 0.69
CA ASN A 243 22.40 -8.34 2.15
C ASN A 243 21.45 -7.42 2.90
N THR A 244 20.59 -8.00 3.73
CA THR A 244 19.55 -7.25 4.45
C THR A 244 20.16 -6.29 5.48
N ALA A 245 21.10 -6.80 6.28
CA ALA A 245 21.82 -5.97 7.25
C ALA A 245 22.50 -4.77 6.58
N GLU A 246 23.15 -5.01 5.44
CA GLU A 246 23.76 -3.96 4.64
C GLU A 246 22.75 -2.89 4.24
N MET A 247 21.57 -3.35 3.82
CA MET A 247 20.47 -2.46 3.46
C MET A 247 20.02 -1.63 4.68
N TYR A 248 19.79 -2.28 5.82
CA TYR A 248 19.47 -1.53 7.04
C TYR A 248 20.54 -0.49 7.35
N ASP A 249 21.80 -0.91 7.25
CA ASP A 249 22.96 -0.03 7.41
C ASP A 249 22.92 1.16 6.47
N ASN A 250 22.56 0.92 5.19
CA ASN A 250 22.48 1.96 4.17
C ASN A 250 21.36 2.95 4.44
N ILE A 251 20.22 2.44 4.92
CA ILE A 251 19.06 3.29 5.23
C ILE A 251 19.40 4.31 6.33
N LEU A 252 20.11 3.86 7.35
CA LEU A 252 20.44 4.67 8.53
C LEU A 252 21.65 5.59 8.35
N ASN A 253 22.64 5.15 7.58
CA ASN A 253 23.94 5.83 7.57
C ASN A 253 24.44 6.36 6.22
N LYS A 254 23.97 5.79 5.13
CA LYS A 254 24.44 6.17 3.80
C LYS A 254 23.60 7.30 3.19
N PRO A 255 24.25 8.41 2.77
CA PRO A 255 23.55 9.52 2.11
C PRO A 255 22.79 9.08 0.87
N LEU A 256 21.68 9.76 0.59
CA LEU A 256 20.85 9.46 -0.58
C LEU A 256 21.61 9.59 -1.91
N GLN A 257 21.45 8.57 -2.75
CA GLN A 257 22.14 8.42 -4.02
C GLN A 257 21.16 8.61 -5.20
N LEU A 258 21.21 9.77 -5.82
CA LEU A 258 20.30 10.05 -6.93
C LEU A 258 21.08 10.22 -8.22
N LYS A 259 21.12 9.14 -9.00
CA LYS A 259 21.78 9.15 -10.31
C LYS A 259 21.13 10.15 -11.27
N PRO A 260 21.92 10.75 -12.19
CA PRO A 260 21.42 11.91 -12.92
C PRO A 260 20.57 11.57 -14.14
N ASN A 261 19.47 10.86 -13.94
CA ASN A 261 18.60 10.44 -15.05
C ASN A 261 17.17 10.90 -14.89
N ILE A 262 16.91 11.70 -13.84
CA ILE A 262 15.59 12.22 -13.56
C ILE A 262 15.62 13.75 -13.52
N THR A 263 14.47 14.37 -13.74
CA THR A 263 14.35 15.83 -13.67
C THR A 263 14.71 16.35 -12.28
N ASN A 264 15.03 17.64 -12.20
CA ASN A 264 15.36 18.27 -10.93
C ASN A 264 14.20 18.27 -9.92
N SER A 265 12.96 18.35 -10.40
CA SER A 265 11.78 18.30 -9.55
C SER A 265 11.65 16.92 -8.92
N ALA A 266 11.94 15.88 -9.69
CA ALA A 266 11.94 14.51 -9.17
C ALA A 266 13.01 14.36 -8.08
N ARG A 267 14.22 14.85 -8.36
CA ARG A 267 15.32 14.89 -7.40
C ARG A 267 14.90 15.62 -6.13
N HIS A 268 14.35 16.81 -6.31
CA HIS A 268 13.94 17.63 -5.17
C HIS A 268 12.90 16.92 -4.29
N LEU A 269 11.90 16.28 -4.92
CA LEU A 269 10.88 15.54 -4.20
C LEU A 269 11.46 14.35 -3.44
N LEU A 270 12.36 13.61 -4.08
CA LEU A 270 12.97 12.45 -3.45
C LEU A 270 13.89 12.84 -2.29
N GLU A 271 14.66 13.92 -2.48
CA GLU A 271 15.46 14.49 -1.39
C GLU A 271 14.60 14.91 -0.20
N GLY A 272 13.40 15.42 -0.49
CA GLY A 272 12.44 15.83 0.53
C GLY A 272 11.80 14.65 1.23
N LEU A 273 11.28 13.70 0.45
CA LEU A 273 10.56 12.54 1.00
C LEU A 273 11.47 11.53 1.71
N LEU A 274 12.71 11.39 1.23
CA LEU A 274 13.63 10.41 1.78
C LEU A 274 14.67 10.99 2.73
N GLN A 275 14.31 12.08 3.41
CA GLN A 275 15.09 12.59 4.54
C GLN A 275 15.06 11.53 5.65
N LYS A 276 16.21 11.32 6.28
CA LYS A 276 16.31 10.37 7.40
C LYS A 276 15.69 10.91 8.69
N ASP A 277 15.90 12.20 8.95
CA ASP A 277 15.28 12.89 10.08
C ASP A 277 13.84 13.25 9.74
N ARG A 278 12.89 12.57 10.38
CA ARG A 278 11.47 12.74 10.09
C ARG A 278 10.90 14.13 10.44
N THR A 279 11.65 14.90 11.21
CA THR A 279 11.27 16.27 11.56
C THR A 279 11.64 17.24 10.42
N LYS A 280 12.53 16.78 9.54
CA LYS A 280 12.99 17.55 8.38
C LYS A 280 12.35 17.04 7.10
N ARG A 281 11.63 15.93 7.19
CA ARG A 281 11.08 15.26 6.02
C ARG A 281 9.91 16.04 5.41
N LEU A 282 9.78 15.96 4.09
CA LEU A 282 8.67 16.59 3.39
C LEU A 282 7.34 16.01 3.90
N GLY A 283 6.53 16.87 4.51
CA GLY A 283 5.25 16.46 5.09
C GLY A 283 5.22 16.57 6.61
N ALA A 284 6.33 16.97 7.21
CA ALA A 284 6.43 17.04 8.67
C ALA A 284 5.58 18.13 9.29
N LYS A 285 5.39 19.23 8.55
CA LYS A 285 4.75 20.44 9.10
C LYS A 285 3.34 20.69 8.56
N ASP A 286 3.03 20.15 7.38
CA ASP A 286 1.73 20.39 6.75
C ASP A 286 1.19 19.17 6.01
N ASP A 287 1.85 18.03 6.24
CA ASP A 287 1.42 16.74 5.72
C ASP A 287 1.25 16.73 4.19
N PHE A 288 0.07 16.32 3.74
CA PHE A 288 -0.22 16.14 2.31
C PHE A 288 -0.11 17.43 1.50
N MET A 289 -0.34 18.58 2.14
CA MET A 289 -0.27 19.87 1.46
C MET A 289 1.12 20.15 0.90
N GLU A 290 2.15 19.63 1.57
CA GLU A 290 3.53 19.76 1.13
C GLU A 290 3.79 18.92 -0.12
N ILE A 291 3.25 17.71 -0.16
CA ILE A 291 3.37 16.84 -1.34
C ILE A 291 2.48 17.37 -2.47
N LYS A 292 1.23 17.67 -2.13
CA LYS A 292 0.25 18.22 -3.07
C LYS A 292 0.81 19.44 -3.83
N SER A 293 1.47 20.35 -3.10
CA SER A 293 1.96 21.60 -3.67
C SER A 293 3.41 21.51 -4.18
N HIS A 294 4.02 20.33 -4.12
CA HIS A 294 5.38 20.15 -4.63
C HIS A 294 5.43 20.30 -6.15
N VAL A 295 6.55 20.83 -6.66
CA VAL A 295 6.68 21.16 -8.08
C VAL A 295 6.59 19.93 -9.00
N PHE A 296 7.01 18.76 -8.49
CA PHE A 296 6.90 17.49 -9.22
C PHE A 296 5.45 17.18 -9.62
N PHE A 297 4.49 17.56 -8.77
CA PHE A 297 3.06 17.36 -9.05
C PHE A 297 2.35 18.64 -9.51
N SER A 298 3.08 19.58 -10.09
CA SER A 298 2.44 20.79 -10.60
C SER A 298 1.40 20.48 -11.68
N LEU A 299 1.73 19.55 -12.58
CA LEU A 299 0.85 19.15 -13.69
C LEU A 299 -0.35 18.29 -13.29
N ILE A 300 -0.52 18.03 -11.99
CA ILE A 300 -1.66 17.24 -11.50
C ILE A 300 -2.80 18.13 -11.00
N ASN A 301 -3.98 17.93 -11.58
CA ASN A 301 -5.22 18.48 -11.02
C ASN A 301 -5.80 17.49 -10.01
N TRP A 302 -5.60 17.77 -8.72
CA TRP A 302 -5.92 16.82 -7.65
C TRP A 302 -7.38 16.45 -7.51
N ASP A 303 -8.27 17.37 -7.92
CA ASP A 303 -9.70 17.08 -7.94
C ASP A 303 -10.04 16.10 -9.06
N ASP A 304 -9.44 16.32 -10.24
CA ASP A 304 -9.63 15.42 -11.39
C ASP A 304 -9.11 14.02 -11.10
N LEU A 305 -7.93 13.95 -10.50
CA LEU A 305 -7.25 12.70 -10.20
C LEU A 305 -8.08 11.84 -9.24
N ILE A 306 -8.45 12.44 -8.11
CA ILE A 306 -9.20 11.74 -7.05
C ILE A 306 -10.56 11.26 -7.56
N ASN A 307 -11.16 12.02 -8.47
CA ASN A 307 -12.43 11.62 -9.10
C ASN A 307 -12.25 10.85 -10.41
N LYS A 308 -11.04 10.35 -10.64
CA LYS A 308 -10.75 9.45 -11.77
C LYS A 308 -11.13 9.99 -13.15
N LYS A 309 -11.02 11.30 -13.32
CA LYS A 309 -11.32 11.96 -14.59
C LYS A 309 -10.11 12.01 -15.52
N ILE A 310 -8.94 11.65 -15.00
CA ILE A 310 -7.70 11.57 -15.79
C ILE A 310 -7.53 10.13 -16.29
N THR A 311 -7.57 9.95 -17.61
CA THR A 311 -7.29 8.67 -18.24
C THR A 311 -5.89 8.19 -17.83
N PRO A 312 -5.80 7.00 -17.22
CA PRO A 312 -4.54 6.40 -16.78
C PRO A 312 -3.53 6.25 -17.92
N PRO A 313 -2.23 6.28 -17.61
CA PRO A 313 -1.18 6.24 -18.63
C PRO A 313 -0.95 4.84 -19.20
N PHE A 314 -1.64 3.85 -18.65
CA PHE A 314 -1.46 2.46 -19.04
C PHE A 314 -2.72 1.66 -18.76
N ASN A 315 -3.14 0.88 -19.76
CA ASN A 315 -4.32 0.02 -19.63
C ASN A 315 -3.91 -1.44 -19.51
N PRO A 316 -4.15 -2.05 -18.33
CA PRO A 316 -3.91 -3.49 -18.15
C PRO A 316 -4.72 -4.29 -19.16
N ASN A 317 -4.10 -5.32 -19.74
CA ASN A 317 -4.67 -6.03 -20.89
C ASN A 317 -5.86 -6.96 -20.56
N VAL A 318 -6.65 -6.56 -19.56
CA VAL A 318 -7.82 -7.32 -19.11
C VAL A 318 -9.02 -6.42 -18.81
N SER A 319 -10.16 -7.04 -18.52
CA SER A 319 -11.37 -6.34 -18.08
C SER A 319 -12.24 -7.23 -17.20
N GLY A 320 -12.53 -6.78 -15.98
CA GLY A 320 -13.39 -7.51 -15.05
C GLY A 320 -13.43 -6.89 -13.66
C4 MMG B . -4.26 -10.88 -7.12
C5 MMG B . -2.76 -10.10 -5.46
C6 MMG B . -6.17 -7.77 0.45
C7 MMG B . -4.29 -8.67 -0.69
C8 MMG B . -5.46 -7.78 1.64
C10 MMG B . -5.02 -9.26 -3.89
C13 MMG B . -4.05 -10.19 -5.95
C15 MMG B . -4.17 -8.24 1.64
C17 MMG B . -6.08 -8.63 -3.26
C20 MMG B . -3.44 -8.26 2.91
C1 MMG B . -1.95 -11.38 -7.30
C2 MMG B . -3.23 -11.47 -7.80
C3 MMG B . -1.72 -10.70 -6.13
C9 MMG B . -3.57 -8.69 0.48
C11 MMG B . -7.63 -7.62 -1.97
C12 MMG B . -6.32 -9.20 -5.87
C14 MMG B . -5.59 -8.22 -0.72
C16 MMG B . -5.15 -9.55 -5.23
C18 MMG B . -6.37 -8.17 -1.94
C19 MMG B . -7.19 -8.34 -4.04
N21 MMG B . -8.10 -7.72 -3.24
N22 MMG B . -7.38 -8.59 -5.33
O23 MMG B . -2.38 -9.08 2.78
O24 MMG B . -3.77 -7.61 3.90
#